data_8P4Y
#
_entry.id   8P4Y
#
_cell.length_a   33.840
_cell.length_b   36.980
_cell.length_c   44.670
_cell.angle_alpha   97.25
_cell.angle_beta   105.76
_cell.angle_gamma   95.45
#
_symmetry.space_group_name_H-M   'P 1'
#
loop_
_entity.id
_entity.type
_entity.pdbx_description
1 polymer 'Protein origami triangle'
2 non-polymer GLYCEROL
3 water water
#
_entity_poly.entity_id   1
_entity_poly.type   'polypeptide(L)'
_entity_poly.pdbx_seq_one_letter_code
;GSPEDEIERLERENEKLERENERLEREIRWLEEGSGQLEDKVEELLSKNYHLENEVERLKKLVGSGSPEDKIEELKRKIE
KLKRENERLERENEWLERGSGSPEDKIEELKRKNRELKEKNKELKEKIYRLKEGSGQLEDKVEELLSKNYHLENEVERLK
KLVGSGSPE(MEN)EIKELEEEIRELEEKNEELKRKNEWLKRGSG
;
_entity_poly.pdbx_strand_id   A
#
loop_
_chem_comp.id
_chem_comp.type
_chem_comp.name
_chem_comp.formula
GOL non-polymer GLYCEROL 'C3 H8 O3'
#
# COMPACT_ATOMS: atom_id res chain seq x y z
N SER A 2 6.11 10.57 -22.83
CA SER A 2 7.13 9.54 -22.77
C SER A 2 6.53 8.24 -22.24
N PRO A 3 7.11 7.10 -22.66
CA PRO A 3 6.57 5.80 -22.20
C PRO A 3 6.58 5.63 -20.69
N GLU A 4 7.65 6.06 -20.02
CA GLU A 4 7.72 5.89 -18.56
C GLU A 4 6.63 6.69 -17.86
N ASP A 5 6.17 7.80 -18.45
CA ASP A 5 5.04 8.51 -17.88
C ASP A 5 3.79 7.66 -17.96
N GLU A 6 3.65 6.89 -19.03
CA GLU A 6 2.52 5.96 -19.10
C GLU A 6 2.69 4.86 -18.07
N ILE A 7 3.88 4.25 -18.00
CA ILE A 7 4.10 3.12 -17.11
C ILE A 7 3.78 3.50 -15.67
N GLU A 8 4.33 4.64 -15.22
CA GLU A 8 4.07 5.10 -13.86
C GLU A 8 2.58 5.22 -13.59
N ARG A 9 1.85 5.84 -14.53
CA ARG A 9 0.42 6.07 -14.33
C ARG A 9 -0.32 4.75 -14.10
N LEU A 10 -0.05 3.75 -14.94
CA LEU A 10 -0.79 2.50 -14.85
C LEU A 10 -0.39 1.69 -13.63
N GLU A 11 0.86 1.80 -13.18
CA GLU A 11 1.25 1.11 -11.95
C GLU A 11 0.53 1.71 -10.75
N ARG A 12 0.58 3.05 -10.63
CA ARG A 12 -0.21 3.77 -9.64
C ARG A 12 -1.64 3.25 -9.62
N GLU A 13 -2.33 3.36 -10.76
CA GLU A 13 -3.74 3.03 -10.81
C GLU A 13 -4.01 1.56 -10.51
N ASN A 14 -3.14 0.65 -10.97
CA ASN A 14 -3.39 -0.77 -10.73
C ASN A 14 -3.23 -1.13 -9.27
N GLU A 15 -2.18 -0.64 -8.61
CA GLU A 15 -1.96 -1.01 -7.21
C GLU A 15 -3.15 -0.61 -6.35
N LYS A 16 -3.67 0.61 -6.56
CA LYS A 16 -4.86 1.06 -5.85
C LYS A 16 -6.03 0.13 -6.12
N LEU A 17 -6.27 -0.19 -7.40
CA LEU A 17 -7.27 -1.19 -7.73
C LEU A 17 -6.99 -2.50 -6.98
N GLU A 18 -5.76 -3.00 -7.09
CA GLU A 18 -5.36 -4.20 -6.34
C GLU A 18 -5.74 -4.07 -4.86
N ARG A 19 -5.37 -2.96 -4.22
CA ARG A 19 -5.69 -2.82 -2.81
C ARG A 19 -7.20 -2.75 -2.61
N GLU A 20 -7.91 -1.95 -3.41
CA GLU A 20 -9.33 -1.79 -3.18
C GLU A 20 -10.07 -3.10 -3.41
N ASN A 21 -9.64 -3.88 -4.39
CA ASN A 21 -10.33 -5.14 -4.65
C ASN A 21 -10.14 -6.11 -3.51
N GLU A 22 -8.93 -6.16 -2.94
CA GLU A 22 -8.70 -7.03 -1.79
C GLU A 22 -9.71 -6.75 -0.69
N ARG A 23 -9.97 -5.46 -0.38
CA ARG A 23 -10.94 -5.13 0.65
C ARG A 23 -12.34 -5.63 0.30
N LEU A 24 -12.73 -5.47 -0.98
CA LEU A 24 -14.05 -5.91 -1.40
C LEU A 24 -14.18 -7.41 -1.32
N GLU A 25 -13.12 -8.14 -1.74
CA GLU A 25 -13.07 -9.58 -1.59
C GLU A 25 -13.37 -9.99 -0.16
N ARG A 26 -12.74 -9.31 0.80
CA ARG A 26 -12.92 -9.68 2.19
C ARG A 26 -14.35 -9.43 2.66
N GLU A 27 -14.90 -8.27 2.31
CA GLU A 27 -16.29 -7.96 2.68
C GLU A 27 -17.27 -9.01 2.13
N ILE A 28 -17.13 -9.38 0.87
CA ILE A 28 -18.03 -10.39 0.31
C ILE A 28 -17.81 -11.74 1.00
N ARG A 29 -16.55 -12.08 1.30
CA ARG A 29 -16.28 -13.36 1.96
C ARG A 29 -16.90 -13.42 3.34
N TRP A 30 -17.07 -12.26 3.99
CA TRP A 30 -17.68 -12.23 5.31
C TRP A 30 -19.20 -12.22 5.23
N LEU A 31 -19.76 -11.62 4.20
CA LEU A 31 -21.20 -11.50 4.10
C LEU A 31 -21.84 -12.74 3.47
N GLU A 32 -21.15 -13.42 2.56
CA GLU A 32 -21.63 -14.72 2.12
C GLU A 32 -21.53 -15.76 3.24
N GLU A 33 -20.42 -15.74 3.99
CA GLU A 33 -20.24 -16.68 5.08
C GLU A 33 -21.20 -16.42 6.23
N GLY A 34 -21.59 -15.16 6.43
CA GLY A 34 -22.56 -14.83 7.45
C GLY A 34 -23.96 -15.35 7.16
N GLN A 37 -26.34 -16.66 9.24
CA GLN A 37 -25.74 -16.60 10.57
C GLN A 37 -25.03 -15.27 10.81
N LEU A 38 -25.64 -14.18 10.35
CA LEU A 38 -24.96 -12.89 10.34
C LEU A 38 -24.75 -12.35 11.75
N GLU A 39 -25.71 -12.56 12.65
CA GLU A 39 -25.58 -12.09 14.02
C GLU A 39 -24.32 -12.65 14.68
N ASP A 40 -24.01 -13.93 14.39
CA ASP A 40 -22.77 -14.54 14.88
C ASP A 40 -21.55 -13.78 14.38
N LYS A 41 -21.51 -13.51 13.07
CA LYS A 41 -20.38 -12.81 12.47
C LYS A 41 -20.21 -11.43 13.09
N VAL A 42 -21.29 -10.78 13.49
CA VAL A 42 -21.18 -9.46 14.08
C VAL A 42 -20.49 -9.54 15.43
N GLU A 43 -20.97 -10.45 16.29
CA GLU A 43 -20.35 -10.66 17.59
C GLU A 43 -18.85 -10.88 17.45
N GLU A 44 -18.45 -11.81 16.58
CA GLU A 44 -17.04 -12.15 16.52
C GLU A 44 -16.21 -11.01 15.93
N LEU A 45 -16.80 -10.16 15.08
CA LEU A 45 -16.10 -8.96 14.65
C LEU A 45 -15.89 -8.00 15.81
N LEU A 46 -16.91 -7.86 16.67
CA LEU A 46 -16.75 -7.02 17.85
C LEU A 46 -15.57 -7.50 18.68
N SER A 47 -15.48 -8.81 18.91
CA SER A 47 -14.37 -9.32 19.71
C SER A 47 -13.04 -9.10 19.00
N LYS A 48 -12.98 -9.36 17.69
CA LYS A 48 -11.78 -9.07 16.93
C LYS A 48 -11.40 -7.60 17.01
N ASN A 49 -12.37 -6.70 16.87
CA ASN A 49 -12.02 -5.28 16.99
C ASN A 49 -11.65 -4.93 18.43
N TYR A 50 -12.29 -5.58 19.39
CA TYR A 50 -11.95 -5.36 20.79
C TYR A 50 -10.51 -5.75 21.05
N HIS A 51 -10.10 -6.93 20.59
CA HIS A 51 -8.70 -7.33 20.72
C HIS A 51 -7.74 -6.36 20.01
N LEU A 52 -8.14 -5.83 18.85
CA LEU A 52 -7.21 -4.94 18.14
C LEU A 52 -7.07 -3.59 18.86
N GLU A 53 -8.16 -3.09 19.45
CA GLU A 53 -8.10 -1.79 20.13
C GLU A 53 -7.25 -1.86 21.39
N ASN A 54 -7.29 -2.99 22.10
CA ASN A 54 -6.40 -3.16 23.24
C ASN A 54 -4.95 -3.29 22.81
N GLU A 55 -4.70 -3.90 21.64
CA GLU A 55 -3.33 -3.96 21.12
C GLU A 55 -2.84 -2.57 20.74
N VAL A 56 -3.69 -1.77 20.08
CA VAL A 56 -3.33 -0.38 19.83
C VAL A 56 -2.91 0.28 21.13
N GLU A 57 -3.72 0.11 22.18
CA GLU A 57 -3.40 0.73 23.45
C GLU A 57 -2.08 0.20 24.00
N ARG A 58 -1.88 -1.13 23.98
CA ARG A 58 -0.60 -1.67 24.43
C ARG A 58 0.56 -1.03 23.71
N LEU A 59 0.53 -1.06 22.37
CA LEU A 59 1.64 -0.52 21.60
C LEU A 59 1.82 0.96 21.83
N LYS A 60 0.72 1.70 21.97
CA LYS A 60 0.84 3.14 22.23
C LYS A 60 1.62 3.40 23.50
N LYS A 61 1.44 2.55 24.52
CA LYS A 61 2.14 2.74 25.79
C LYS A 61 3.61 2.37 25.69
N LEU A 62 3.97 1.48 24.75
CA LEU A 62 5.36 1.13 24.49
C LEU A 62 6.10 2.22 23.73
N VAL A 63 5.40 3.27 23.33
CA VAL A 63 5.98 4.44 22.71
C VAL A 63 6.05 5.55 23.76
N GLY A 64 7.26 5.86 24.22
CA GLY A 64 7.42 6.92 25.21
C GLY A 64 7.43 8.32 24.62
N SER A 65 7.91 8.48 23.39
CA SER A 65 8.04 9.79 22.77
C SER A 65 7.56 9.76 21.34
N GLY A 66 6.79 10.79 20.96
CA GLY A 66 6.40 10.94 19.58
C GLY A 66 7.45 11.54 18.69
N SER A 67 8.51 12.10 19.26
CA SER A 67 9.56 12.74 18.48
C SER A 67 10.33 11.74 17.63
N PRO A 68 10.71 10.57 18.18
CA PRO A 68 11.29 9.55 17.30
C PRO A 68 10.31 9.05 16.26
N GLU A 69 9.06 8.79 16.68
CA GLU A 69 8.02 8.37 15.75
C GLU A 69 7.93 9.31 14.56
N ASP A 70 7.85 10.63 14.83
CA ASP A 70 7.88 11.60 13.75
C ASP A 70 9.10 11.40 12.87
N LYS A 71 10.28 11.27 13.48
CA LYS A 71 11.49 11.18 12.67
C LYS A 71 11.44 9.95 11.76
N ILE A 72 11.19 8.78 12.35
CA ILE A 72 11.10 7.55 11.54
C ILE A 72 10.12 7.73 10.40
N GLU A 73 8.93 8.26 10.69
CA GLU A 73 7.96 8.49 9.62
C GLU A 73 8.56 9.37 8.52
N GLU A 74 9.23 10.45 8.92
CA GLU A 74 9.86 11.32 7.94
C GLU A 74 10.89 10.57 7.10
N LEU A 75 11.74 9.76 7.74
CA LEU A 75 12.79 9.07 6.98
C LEU A 75 12.18 8.04 6.04
N LYS A 76 11.18 7.29 6.52
CA LYS A 76 10.53 6.32 5.65
C LYS A 76 9.93 7.01 4.42
N ARG A 77 9.38 8.22 4.58
CA ARG A 77 8.89 8.96 3.43
C ARG A 77 10.03 9.32 2.48
N LYS A 78 11.11 9.91 3.02
CA LYS A 78 12.26 10.24 2.19
C LYS A 78 12.76 9.01 1.45
N ILE A 79 12.80 7.87 2.12
CA ILE A 79 13.27 6.65 1.47
C ILE A 79 12.37 6.28 0.29
N GLU A 80 11.05 6.48 0.44
CA GLU A 80 10.12 6.19 -0.65
C GLU A 80 10.32 7.14 -1.82
N LYS A 81 10.46 8.43 -1.55
CA LYS A 81 10.78 9.41 -2.57
C LYS A 81 12.02 9.00 -3.35
N LEU A 82 13.11 8.67 -2.65
CA LEU A 82 14.38 8.35 -3.29
C LEU A 82 14.30 7.08 -4.12
N LYS A 83 13.51 6.10 -3.68
CA LYS A 83 13.44 4.84 -4.40
C LYS A 83 12.69 5.00 -5.70
N ARG A 84 11.57 5.74 -5.69
CA ARG A 84 10.83 5.98 -6.93
C ARG A 84 11.69 6.76 -7.91
N GLU A 85 12.48 7.71 -7.42
CA GLU A 85 13.28 8.53 -8.33
C GLU A 85 14.42 7.70 -8.92
N ASN A 86 15.04 6.85 -8.10
CA ASN A 86 16.03 5.94 -8.62
C ASN A 86 15.41 5.00 -9.63
N GLU A 87 14.20 4.50 -9.37
CA GLU A 87 13.57 3.65 -10.37
C GLU A 87 13.30 4.42 -11.66
N ARG A 88 12.86 5.69 -11.57
CA ARG A 88 12.66 6.44 -12.81
C ARG A 88 13.95 6.59 -13.60
N LEU A 89 15.07 6.77 -12.89
CA LEU A 89 16.36 6.95 -13.58
C LEU A 89 16.82 5.64 -14.19
N GLU A 90 16.61 4.52 -13.49
CA GLU A 90 17.03 3.24 -14.04
C GLU A 90 16.24 2.92 -15.31
N ARG A 91 14.94 3.21 -15.30
CA ARG A 91 14.11 2.92 -16.48
C ARG A 91 14.55 3.74 -17.68
N GLU A 92 14.74 5.04 -17.49
CA GLU A 92 15.23 5.85 -18.59
C GLU A 92 16.57 5.32 -19.08
N ASN A 93 17.47 5.01 -18.16
CA ASN A 93 18.78 4.53 -18.57
C ASN A 93 18.67 3.24 -19.36
N GLU A 94 17.84 2.30 -18.90
CA GLU A 94 17.65 1.09 -19.69
C GLU A 94 17.08 1.42 -21.06
N TRP A 95 16.05 2.27 -21.07
CA TRP A 95 15.42 2.67 -22.32
C TRP A 95 16.42 3.29 -23.28
N LEU A 96 17.22 4.25 -22.80
CA LEU A 96 18.24 4.84 -23.66
C LEU A 96 19.22 3.78 -24.15
N GLU A 97 19.62 2.87 -23.27
CA GLU A 97 20.62 1.89 -23.68
C GLU A 97 20.03 0.85 -24.61
N ARG A 98 18.79 0.42 -24.36
CA ARG A 98 18.27 -0.78 -24.98
C ARG A 98 17.01 -0.60 -25.82
N GLY A 99 16.40 0.58 -25.86
CA GLY A 99 15.32 0.81 -26.79
C GLY A 99 13.93 0.69 -26.18
N SER A 100 12.94 1.04 -26.99
CA SER A 100 11.57 1.23 -26.52
C SER A 100 10.73 -0.04 -26.55
N GLY A 101 11.23 -1.14 -27.11
CA GLY A 101 10.44 -2.36 -27.17
C GLY A 101 10.08 -2.92 -25.81
N SER A 102 10.93 -2.71 -24.81
CA SER A 102 10.72 -3.22 -23.46
C SER A 102 9.64 -2.44 -22.71
N PRO A 103 9.62 -1.11 -22.76
CA PRO A 103 8.48 -0.40 -22.14
C PRO A 103 7.14 -0.75 -22.79
N GLU A 104 7.06 -0.70 -24.11
CA GLU A 104 5.78 -0.87 -24.81
C GLU A 104 5.14 -2.23 -24.51
N ASP A 105 5.96 -3.26 -24.28
CA ASP A 105 5.40 -4.54 -23.87
C ASP A 105 4.94 -4.48 -22.42
N LYS A 106 5.74 -3.86 -21.55
CA LYS A 106 5.31 -3.64 -20.18
C LYS A 106 4.02 -2.84 -20.15
N ILE A 107 3.95 -1.76 -20.92
CA ILE A 107 2.73 -0.98 -21.00
C ILE A 107 1.57 -1.85 -21.46
N GLU A 108 1.78 -2.67 -22.49
CA GLU A 108 0.71 -3.53 -22.97
C GLU A 108 0.21 -4.44 -21.87
N GLU A 109 1.12 -5.06 -21.12
CA GLU A 109 0.69 -5.92 -20.02
C GLU A 109 -0.04 -5.10 -18.97
N LEU A 110 0.46 -3.89 -18.67
CA LEU A 110 -0.16 -3.07 -17.63
C LEU A 110 -1.55 -2.61 -18.01
N LYS A 111 -1.79 -2.32 -19.30
CA LYS A 111 -3.14 -1.91 -19.72
C LYS A 111 -4.10 -3.10 -19.78
N ARG A 112 -3.60 -4.30 -20.05
CA ARG A 112 -4.46 -5.48 -19.94
C ARG A 112 -4.87 -5.70 -18.48
N LYS A 113 -3.91 -5.65 -17.56
CA LYS A 113 -4.24 -5.89 -16.15
C LYS A 113 -5.14 -4.78 -15.63
N ASN A 114 -4.89 -3.54 -16.06
CA ASN A 114 -5.75 -2.42 -15.66
C ASN A 114 -7.20 -2.71 -16.02
N ARG A 115 -7.45 -3.12 -17.27
CA ARG A 115 -8.82 -3.43 -17.68
C ARG A 115 -9.39 -4.58 -16.87
N GLU A 116 -8.59 -5.62 -16.67
CA GLU A 116 -9.03 -6.74 -15.82
C GLU A 116 -9.38 -6.24 -14.42
N LEU A 117 -8.51 -5.41 -13.85
CA LEU A 117 -8.74 -4.96 -12.48
C LEU A 117 -10.01 -4.14 -12.39
N LYS A 118 -10.27 -3.29 -13.39
CA LYS A 118 -11.46 -2.45 -13.33
C LYS A 118 -12.72 -3.28 -13.52
N GLU A 119 -12.67 -4.27 -14.41
CA GLU A 119 -13.82 -5.14 -14.61
C GLU A 119 -14.21 -5.83 -13.31
N LYS A 120 -13.20 -6.37 -12.61
CA LYS A 120 -13.46 -7.09 -11.36
C LYS A 120 -13.98 -6.14 -10.29
N ASN A 121 -13.36 -4.98 -10.15
CA ASN A 121 -13.84 -3.95 -9.23
C ASN A 121 -15.34 -3.71 -9.43
N LYS A 122 -15.77 -3.55 -10.68
CA LYS A 122 -17.18 -3.25 -10.92
C LYS A 122 -18.06 -4.43 -10.57
N GLU A 123 -17.59 -5.64 -10.86
CA GLU A 123 -18.31 -6.84 -10.45
C GLU A 123 -18.38 -6.97 -8.92
N LEU A 124 -17.23 -6.81 -8.26
CA LEU A 124 -17.20 -6.94 -6.80
C LEU A 124 -18.11 -5.91 -6.15
N LYS A 125 -18.00 -4.67 -6.59
CA LYS A 125 -18.86 -3.63 -6.03
C LYS A 125 -20.33 -3.92 -6.32
N GLU A 126 -20.62 -4.49 -7.49
CA GLU A 126 -22.01 -4.85 -7.80
C GLU A 126 -22.53 -5.94 -6.88
N LYS A 127 -21.68 -6.93 -6.60
CA LYS A 127 -22.06 -8.01 -5.70
C LYS A 127 -22.36 -7.49 -4.30
N ILE A 128 -21.58 -6.53 -3.81
CA ILE A 128 -21.79 -6.06 -2.45
C ILE A 128 -23.13 -5.34 -2.32
N TYR A 129 -23.46 -4.49 -3.29
CA TYR A 129 -24.76 -3.82 -3.24
C TYR A 129 -25.89 -4.85 -3.18
N ARG A 130 -25.80 -5.89 -4.02
CA ARG A 130 -26.79 -6.96 -3.97
C ARG A 130 -26.77 -7.67 -2.61
N LEU A 131 -25.58 -7.94 -2.07
CA LEU A 131 -25.50 -8.60 -0.77
C LEU A 131 -26.11 -7.73 0.32
N LYS A 132 -25.82 -6.44 0.30
CA LYS A 132 -26.34 -5.54 1.33
C LYS A 132 -27.86 -5.58 1.35
N GLU A 133 -28.50 -5.56 0.19
CA GLU A 133 -29.96 -5.59 0.13
C GLU A 133 -30.54 -6.85 0.76
N SER A 135 -32.71 -4.38 2.06
CA SER A 135 -33.68 -4.41 3.15
C SER A 135 -33.06 -4.94 4.43
N GLY A 136 -31.74 -5.07 4.45
CA GLY A 136 -31.01 -5.60 5.59
C GLY A 136 -30.45 -4.48 6.45
N GLN A 137 -30.56 -4.66 7.76
CA GLN A 137 -30.00 -3.71 8.71
C GLN A 137 -28.68 -4.16 9.31
N LEU A 138 -28.56 -5.44 9.66
CA LEU A 138 -27.29 -5.99 10.10
C LEU A 138 -26.19 -5.73 9.08
N GLU A 139 -26.52 -5.74 7.79
CA GLU A 139 -25.51 -5.72 6.75
C GLU A 139 -24.63 -4.47 6.85
N ASP A 140 -25.22 -3.31 7.11
CA ASP A 140 -24.42 -2.08 7.25
C ASP A 140 -23.55 -2.13 8.49
N LYS A 141 -24.12 -2.57 9.61
CA LYS A 141 -23.32 -2.82 10.82
C LYS A 141 -22.08 -3.64 10.49
N VAL A 142 -22.27 -4.72 9.71
CA VAL A 142 -21.14 -5.53 9.31
C VAL A 142 -20.16 -4.72 8.48
N GLU A 143 -20.69 -3.86 7.62
CA GLU A 143 -19.82 -3.02 6.80
C GLU A 143 -18.95 -2.15 7.68
N GLU A 144 -19.57 -1.38 8.56
CA GLU A 144 -18.82 -0.50 9.45
C GLU A 144 -17.78 -1.27 10.24
N LEU A 145 -18.19 -2.38 10.86
CA LEU A 145 -17.28 -3.11 11.75
C LEU A 145 -16.09 -3.65 10.99
N LEU A 146 -16.29 -4.06 9.73
CA LEU A 146 -15.16 -4.49 8.92
C LEU A 146 -14.27 -3.31 8.57
N SER A 147 -14.88 -2.17 8.29
CA SER A 147 -14.11 -0.96 8.02
C SER A 147 -13.28 -0.60 9.25
N LYS A 148 -13.91 -0.59 10.42
CA LYS A 148 -13.17 -0.33 11.67
C LYS A 148 -12.06 -1.35 11.85
N ASN A 149 -12.37 -2.63 11.61
CA ASN A 149 -11.36 -3.68 11.69
C ASN A 149 -10.19 -3.41 10.76
N TYR A 150 -10.46 -2.86 9.57
CA TYR A 150 -9.38 -2.54 8.64
C TYR A 150 -8.48 -1.44 9.21
N HIS A 151 -9.09 -0.40 9.78
CA HIS A 151 -8.31 0.73 10.29
C HIS A 151 -7.48 0.32 11.52
N LEU A 152 -8.08 -0.45 12.43
CA LEU A 152 -7.35 -0.94 13.59
C LEU A 152 -6.21 -1.85 13.16
N GLU A 153 -6.48 -2.75 12.22
CA GLU A 153 -5.40 -3.54 11.63
C GLU A 153 -4.27 -2.66 11.15
N ASN A 154 -4.58 -1.65 10.35
CA ASN A 154 -3.53 -0.76 9.85
C ASN A 154 -2.82 -0.07 11.02
N GLU A 155 -3.57 0.30 12.04
CA GLU A 155 -2.96 1.06 13.14
C GLU A 155 -2.02 0.18 13.96
N VAL A 156 -2.40 -1.08 14.22
CA VAL A 156 -1.51 -1.98 14.95
C VAL A 156 -0.20 -2.15 14.22
N GLU A 157 -0.26 -2.27 12.88
CA GLU A 157 0.95 -2.50 12.10
C GLU A 157 1.81 -1.24 12.02
N ARG A 158 1.18 -0.07 11.85
CA ARG A 158 1.92 1.17 11.98
C ARG A 158 2.71 1.19 13.28
N LEU A 159 2.05 0.93 14.41
CA LEU A 159 2.76 0.91 15.68
C LEU A 159 3.72 -0.26 15.79
N LYS A 160 3.61 -1.26 14.92
CA LYS A 160 4.59 -2.34 14.95
C LYS A 160 5.85 -1.99 14.16
N LYS A 161 5.72 -1.19 13.10
CA LYS A 161 6.89 -0.73 12.35
C LYS A 161 7.75 0.25 13.13
N LEU A 162 7.33 0.58 14.35
CA LEU A 162 8.03 1.53 15.21
C LEU A 162 8.69 0.84 16.39
N VAL A 163 7.93 0.05 17.14
CA VAL A 163 8.43 -0.65 18.31
C VAL A 163 9.09 -1.96 17.88
N GLY A 166 13.44 -4.04 20.31
CA GLY A 166 13.44 -2.97 19.32
C GLY A 166 13.68 -1.61 19.94
N SER A 167 14.33 -0.71 19.19
CA SER A 167 14.68 0.62 19.70
C SER A 167 14.46 1.70 18.64
N PRO A 168 13.68 2.74 18.95
CA PRO A 168 13.39 3.77 17.94
C PRO A 168 14.62 4.46 17.39
N GLU A 169 15.70 4.55 18.15
CA GLU A 169 16.89 5.25 17.69
C GLU A 169 17.80 4.34 16.86
N MEN A 170 17.72 3.04 17.11
CA MEN A 170 18.43 2.08 16.31
C MEN A 170 17.80 2.10 14.94
O MEN A 170 18.40 1.95 13.89
CB MEN A 170 18.37 0.62 16.83
CG MEN A 170 19.20 0.42 18.09
OD1 MEN A 170 20.02 1.30 18.46
ND2 MEN A 170 19.02 -0.75 18.81
CE2 MEN A 170 18.11 -1.80 18.46
N GLU A 171 16.49 2.29 14.97
CA GLU A 171 15.70 2.37 13.74
C GLU A 171 16.09 3.60 12.93
N ILE A 172 16.13 4.77 13.58
CA ILE A 172 16.53 5.97 12.87
C ILE A 172 17.94 5.82 12.31
N LYS A 173 18.84 5.23 13.08
CA LYS A 173 20.20 4.94 12.61
C LYS A 173 20.16 4.13 11.32
N GLU A 174 19.35 3.07 11.28
CA GLU A 174 19.27 2.27 10.07
C GLU A 174 18.75 3.08 8.89
N LEU A 175 17.60 3.73 9.06
CA LEU A 175 16.98 4.45 7.97
C LEU A 175 17.88 5.55 7.43
N GLU A 176 18.65 6.19 8.30
CA GLU A 176 19.54 7.22 7.79
C GLU A 176 20.69 6.62 6.99
N GLU A 177 21.17 5.43 7.36
CA GLU A 177 22.15 4.75 6.52
C GLU A 177 21.54 4.39 5.17
N GLU A 178 20.31 3.86 5.17
CA GLU A 178 19.65 3.57 3.90
C GLU A 178 19.52 4.81 3.04
N ILE A 179 19.23 5.96 3.64
CA ILE A 179 19.13 7.19 2.87
C ILE A 179 20.48 7.52 2.24
N ARG A 180 21.57 7.35 2.99
CA ARG A 180 22.90 7.57 2.40
C ARG A 180 23.13 6.68 1.18
N GLU A 181 22.74 5.40 1.28
CA GLU A 181 22.93 4.48 0.16
C GLU A 181 22.11 4.90 -1.06
N LEU A 182 20.84 5.28 -0.82
CA LEU A 182 19.97 5.68 -1.90
C LEU A 182 20.44 6.97 -2.56
N GLU A 183 20.93 7.93 -1.75
CA GLU A 183 21.47 9.16 -2.34
C GLU A 183 22.73 8.89 -3.15
N GLU A 184 23.60 8.01 -2.65
CA GLU A 184 24.75 7.57 -3.43
C GLU A 184 24.31 6.94 -4.74
N LYS A 185 23.33 6.01 -4.69
CA LYS A 185 22.80 5.37 -5.89
C LYS A 185 22.17 6.41 -6.81
N ASN A 186 21.39 7.32 -6.26
CA ASN A 186 20.81 8.38 -7.06
C ASN A 186 21.88 9.09 -7.86
N GLU A 187 22.98 9.43 -7.20
CA GLU A 187 24.02 10.18 -7.90
C GLU A 187 24.64 9.36 -9.02
N GLU A 188 24.93 8.09 -8.78
CA GLU A 188 25.49 7.25 -9.83
C GLU A 188 24.56 7.17 -11.02
N LEU A 189 23.26 7.05 -10.76
CA LEU A 189 22.30 6.91 -11.84
C LEU A 189 22.19 8.21 -12.64
N LYS A 190 22.26 9.36 -11.97
CA LYS A 190 22.23 10.62 -12.70
C LYS A 190 23.50 10.81 -13.51
N ARG A 191 24.64 10.41 -12.96
CA ARG A 191 25.88 10.48 -13.73
C ARG A 191 25.82 9.58 -14.97
N LYS A 192 25.28 8.37 -14.83
CA LYS A 192 25.16 7.51 -16.01
C LYS A 192 24.17 8.08 -17.01
N ASN A 193 23.08 8.67 -16.52
CA ASN A 193 22.07 9.27 -17.38
C ASN A 193 22.66 10.43 -18.20
N GLU A 194 23.31 11.40 -17.52
CA GLU A 194 23.95 12.49 -18.24
C GLU A 194 25.01 11.97 -19.21
N TRP A 195 25.73 10.92 -18.80
CA TRP A 195 26.72 10.32 -19.68
C TRP A 195 26.07 9.78 -20.95
N LEU A 196 24.89 9.17 -20.80
CA LEU A 196 24.21 8.60 -21.95
C LEU A 196 23.63 9.68 -22.87
N LYS A 197 23.03 10.72 -22.29
CA LYS A 197 22.40 11.77 -23.08
C LYS A 197 23.39 12.80 -23.60
N ARG A 198 24.69 12.61 -23.36
CA ARG A 198 25.71 13.53 -23.85
C ARG A 198 25.79 13.49 -25.38
C1 GOL B . 19.00 -4.87 -0.07
O1 GOL B . 18.14 -4.82 1.05
C2 GOL B . 18.39 -3.99 -1.20
O2 GOL B . 19.33 -3.63 -2.17
C3 GOL B . 17.26 -4.85 -1.78
O3 GOL B . 16.23 -3.98 -2.15
C1 GOL C . 19.56 0.25 -1.81
O1 GOL C . 20.05 -0.95 -2.35
C2 GOL C . 19.11 -0.04 -0.35
O2 GOL C . 19.78 0.78 0.55
C3 GOL C . 17.55 0.16 -0.32
O3 GOL C . 17.04 -0.60 0.75
C1 GOL D . -16.00 -7.18 25.71
O1 GOL D . -16.59 -6.62 26.85
C2 GOL D . -17.09 -7.22 24.60
O2 GOL D . -17.38 -5.95 24.09
C3 GOL D . -16.54 -8.18 23.51
O3 GOL D . -17.55 -8.35 22.57
#